data_4RBM
#
_entry.id   4RBM
#
_cell.length_a   56.640
_cell.length_b   58.810
_cell.length_c   135.500
_cell.angle_alpha   90.00
_cell.angle_beta   90.00
_cell.angle_gamma   90.00
#
_symmetry.space_group_name_H-M   'P 21 21 21'
#
loop_
_entity.id
_entity.type
_entity.pdbx_description
1 polymer 'Lys-gingipain W83'
2 non-polymer 'CALCIUM ION'
3 non-polymer 'SODIUM ION'
4 non-polymer 'NICKEL (II) ION'
5 non-polymer HISTIDINE
6 non-polymer 'ACETATE ION'
7 non-polymer 'AZIDE ION'
8 non-polymer GLYCEROL
9 non-polymer (3S)-3,7-diaminoheptan-2-one
10 water water
#
_entity_poly.entity_id   1
_entity_poly.type   'polypeptide(L)'
_entity_poly.pdbx_seq_one_letter_code
;DVYTDHGDLYNTPVRMLVVAGAKFKEALKPWLTWKAQKGFYLDVHYTDEAEVGTTNASIKAFIHKKYNDGLAASAAPVFL
ALVGDTDVISGEKGKKTKKVTDLYYSAVDGDYFPEMYTFRMSASSPEELTNIIDKVLMYEKATMPDKSYLEKVLLIAGAD
YSWNSQVGQPTIKYGMQYYYNQEHGYTDVYNYLKAPYTGCYSHLNTGVSFANYTAHGSETAWADPLLTTSQLKALTNKDK
YFLAIGNCCITAQFDYVQPCFGEVITRVKEKGAYAYIGSSPNSYWGEDYYWSVGANAVFGVQPTFEGTSMGSYDATFLED
SYNTVNSIMWAGNLAATHAGNIGNITHIGAHYYWEAYHVLGDGSVMPYRAMPKTNTYTLPASLPQNQASYSIQASAGSYV
AISKDGVLYGTGVANASGVATVSMTKQITENGNYDVVITRSNYLPVIKQIQVGEPHHHHHH
;
_entity_poly.pdbx_strand_id   A
#
loop_
_chem_comp.id
_chem_comp.type
_chem_comp.name
_chem_comp.formula
ACT non-polymer 'ACETATE ION' 'C2 H3 O2 -1'
AZI non-polymer 'AZIDE ION' 'N3 -1'
CA non-polymer 'CALCIUM ION' 'Ca 2'
CKC non-polymer (3S)-3,7-diaminoheptan-2-one 'C7 H16 N2 O'
GOL non-polymer GLYCEROL 'C3 H8 O3'
NA non-polymer 'SODIUM ION' 'Na 1'
NI non-polymer 'NICKEL (II) ION' 'Ni 2'
#
# COMPACT_ATOMS: atom_id res chain seq x y z
N ASP A 1 -24.90 0.87 -0.66
CA ASP A 1 -24.06 1.25 -1.78
C ASP A 1 -22.74 0.52 -1.70
N VAL A 2 -21.81 0.80 -2.63
CA VAL A 2 -20.53 0.10 -2.67
C VAL A 2 -19.71 0.33 -1.38
N TYR A 3 -19.88 1.50 -0.73
CA TYR A 3 -19.11 1.79 0.49
C TYR A 3 -19.58 0.94 1.67
N THR A 4 -20.89 0.73 1.79
CA THR A 4 -21.38 -0.10 2.91
C THR A 4 -21.07 -1.55 2.63
N ASP A 5 -21.08 -1.93 1.34
CA ASP A 5 -20.93 -3.35 1.03
C ASP A 5 -19.50 -3.83 0.95
N HIS A 6 -18.58 -2.97 0.55
CA HIS A 6 -17.20 -3.37 0.30
C HIS A 6 -16.23 -2.37 0.92
N GLY A 7 -16.28 -2.27 2.24
CA GLY A 7 -15.39 -1.36 2.97
C GLY A 7 -13.99 -1.91 3.14
N ASP A 8 -13.17 -1.19 3.89
CA ASP A 8 -11.77 -1.48 4.19
C ASP A 8 -11.63 -2.94 4.72
N LEU A 9 -10.74 -3.69 4.08
CA LEU A 9 -10.52 -5.12 4.39
C LEU A 9 -9.63 -5.35 5.62
N TYR A 10 -8.91 -4.32 6.09
CA TYR A 10 -8.00 -4.46 7.22
C TYR A 10 -8.72 -4.95 8.44
N ASN A 11 -8.14 -5.96 9.08
CA ASN A 11 -8.70 -6.56 10.29
C ASN A 11 -7.56 -7.08 11.16
N THR A 12 -7.79 -7.27 12.47
CA THR A 12 -6.79 -7.83 13.40
C THR A 12 -7.31 -9.16 13.99
N PRO A 13 -6.45 -10.13 14.33
CA PRO A 13 -4.98 -10.16 14.11
C PRO A 13 -4.71 -10.13 12.61
N VAL A 14 -3.68 -9.40 12.19
CA VAL A 14 -3.34 -9.31 10.77
C VAL A 14 -2.87 -10.68 10.26
N ARG A 15 -3.40 -11.11 9.12
CA ARG A 15 -3.01 -12.39 8.51
C ARG A 15 -2.62 -12.12 7.08
N MET A 16 -1.51 -12.69 6.65
CA MET A 16 -1.01 -12.49 5.30
C MET A 16 -0.57 -13.81 4.65
N LEU A 17 -1.03 -14.02 3.42
CA LEU A 17 -0.64 -15.14 2.58
C LEU A 17 0.42 -14.62 1.64
N VAL A 18 1.57 -15.27 1.62
CA VAL A 18 2.69 -14.92 0.76
C VAL A 18 2.90 -16.04 -0.26
N VAL A 19 2.89 -15.69 -1.56
CA VAL A 19 3.18 -16.63 -2.64
C VAL A 19 4.39 -16.07 -3.34
N ALA A 20 5.50 -16.83 -3.34
CA ALA A 20 6.76 -16.28 -3.83
C ALA A 20 7.53 -17.22 -4.73
N GLY A 21 8.35 -16.65 -5.62
CA GLY A 21 9.27 -17.43 -6.43
C GLY A 21 10.34 -18.01 -5.50
N ALA A 22 10.76 -19.25 -5.73
CA ALA A 22 11.75 -19.93 -4.87
C ALA A 22 13.11 -19.22 -4.78
N LYS A 23 13.52 -18.44 -5.80
CA LYS A 23 14.80 -17.72 -5.77
C LYS A 23 14.82 -16.62 -4.71
N PHE A 24 13.63 -16.26 -4.18
CA PHE A 24 13.48 -15.16 -3.21
C PHE A 24 13.40 -15.63 -1.75
N LYS A 25 13.51 -16.95 -1.47
CA LYS A 25 13.41 -17.47 -0.08
C LYS A 25 14.38 -16.75 0.89
N GLU A 26 15.66 -16.64 0.52
CA GLU A 26 16.67 -16.04 1.39
C GLU A 26 16.46 -14.53 1.57
N ALA A 27 16.27 -13.81 0.45
CA ALA A 27 16.07 -12.34 0.48
C ALA A 27 14.82 -11.95 1.27
N LEU A 28 13.79 -12.82 1.28
CA LEU A 28 12.55 -12.52 2.01
C LEU A 28 12.69 -12.54 3.52
N LYS A 29 13.66 -13.28 4.04
CA LYS A 29 13.79 -13.49 5.49
C LYS A 29 13.67 -12.20 6.32
N PRO A 30 14.43 -11.10 6.06
CA PRO A 30 14.30 -9.90 6.93
C PRO A 30 12.92 -9.24 6.90
N TRP A 31 12.25 -9.29 5.73
CA TRP A 31 10.92 -8.70 5.55
C TRP A 31 9.90 -9.53 6.31
N LEU A 32 9.96 -10.88 6.16
CA LEU A 32 9.06 -11.77 6.88
C LEU A 32 9.29 -11.65 8.38
N THR A 33 10.57 -11.55 8.83
CA THR A 33 10.85 -11.40 10.26
C THR A 33 10.14 -10.16 10.82
N TRP A 34 10.34 -9.02 10.16
CA TRP A 34 9.74 -7.75 10.61
C TRP A 34 8.22 -7.83 10.58
N LYS A 35 7.61 -8.43 9.52
CA LYS A 35 6.14 -8.51 9.48
C LYS A 35 5.63 -9.34 10.65
N ALA A 36 6.31 -10.44 10.97
CA ALA A 36 5.90 -11.24 12.15
C ALA A 36 6.06 -10.40 13.43
N GLN A 37 7.20 -9.67 13.55
CA GLN A 37 7.50 -8.87 14.74
C GLN A 37 6.45 -7.81 14.98
N LYS A 38 5.89 -7.24 13.91
CA LYS A 38 4.85 -6.22 14.07
C LYS A 38 3.40 -6.81 14.16
N GLY A 39 3.26 -8.13 14.27
CA GLY A 39 1.96 -8.75 14.48
C GLY A 39 1.26 -9.39 13.30
N PHE A 40 1.99 -9.71 12.22
CA PHE A 40 1.37 -10.41 11.09
C PHE A 40 1.54 -11.91 11.25
N TYR A 41 0.43 -12.67 11.19
CA TYR A 41 0.45 -14.14 11.10
C TYR A 41 0.67 -14.48 9.63
N LEU A 42 1.84 -15.01 9.32
CA LEU A 42 2.25 -15.28 7.96
C LEU A 42 2.08 -16.72 7.55
N ASP A 43 1.58 -16.91 6.34
CA ASP A 43 1.46 -18.22 5.74
C ASP A 43 2.25 -18.12 4.42
N VAL A 44 3.51 -18.62 4.42
CA VAL A 44 4.45 -18.39 3.32
C VAL A 44 4.67 -19.62 2.45
N HIS A 45 4.43 -19.47 1.14
CA HIS A 45 4.57 -20.58 0.20
C HIS A 45 5.34 -20.15 -1.03
N TYR A 46 6.05 -21.09 -1.61
CA TYR A 46 6.90 -20.88 -2.78
C TYR A 46 6.42 -21.69 -3.97
N THR A 47 6.70 -21.21 -5.20
CA THR A 47 6.20 -21.88 -6.39
C THR A 47 6.97 -23.18 -6.72
N ASP A 48 7.96 -23.57 -5.90
CA ASP A 48 8.60 -24.86 -6.11
C ASP A 48 7.81 -25.95 -5.31
N GLU A 49 6.76 -25.53 -4.61
CA GLU A 49 5.86 -26.44 -3.89
C GLU A 49 4.80 -26.87 -4.87
N ALA A 50 4.63 -28.18 -5.12
CA ALA A 50 3.63 -28.70 -6.06
C ALA A 50 2.19 -28.22 -5.76
N GLU A 51 1.86 -27.98 -4.49
CA GLU A 51 0.51 -27.52 -4.10
C GLU A 51 0.25 -26.13 -4.68
N VAL A 52 1.31 -25.34 -4.84
CA VAL A 52 1.24 -23.99 -5.40
C VAL A 52 1.36 -24.09 -6.94
N GLY A 53 2.42 -24.73 -7.41
CA GLY A 53 2.67 -24.86 -8.85
C GLY A 53 3.25 -23.57 -9.39
N THR A 54 3.46 -23.52 -10.71
CA THR A 54 4.11 -22.37 -11.36
C THR A 54 3.21 -21.72 -12.41
N THR A 55 1.98 -22.21 -12.61
CA THR A 55 1.10 -21.67 -13.64
C THR A 55 0.08 -20.72 -13.05
N ASN A 56 -0.47 -19.83 -13.91
CA ASN A 56 -1.54 -18.93 -13.48
C ASN A 56 -2.68 -19.73 -12.82
N ALA A 57 -3.14 -20.82 -13.48
CA ALA A 57 -4.26 -21.61 -12.96
C ALA A 57 -3.94 -22.26 -11.61
N SER A 58 -2.73 -22.85 -11.45
CA SER A 58 -2.39 -23.56 -10.21
C SER A 58 -2.22 -22.60 -9.05
N ILE A 59 -1.52 -21.48 -9.29
CA ILE A 59 -1.30 -20.46 -8.25
C ILE A 59 -2.64 -19.90 -7.79
N LYS A 60 -3.53 -19.57 -8.74
CA LYS A 60 -4.85 -19.02 -8.44
C LYS A 60 -5.67 -20.02 -7.61
N ALA A 61 -5.70 -21.32 -8.01
CA ALA A 61 -6.44 -22.36 -7.29
C ALA A 61 -5.90 -22.47 -5.88
N PHE A 62 -4.56 -22.40 -5.76
CA PHE A 62 -3.90 -22.49 -4.45
C PHE A 62 -4.39 -21.34 -3.52
N ILE A 63 -4.30 -20.10 -4.01
CA ILE A 63 -4.67 -18.90 -3.26
C ILE A 63 -6.17 -18.95 -2.87
N HIS A 64 -7.04 -19.28 -3.85
CA HIS A 64 -8.49 -19.35 -3.56
C HIS A 64 -8.78 -20.39 -2.47
N LYS A 65 -8.10 -21.54 -2.52
CA LYS A 65 -8.31 -22.58 -1.52
C LYS A 65 -7.81 -22.10 -0.15
N LYS A 66 -6.63 -21.45 -0.09
CA LYS A 66 -6.12 -20.91 1.18
C LYS A 66 -7.10 -19.87 1.75
N TYR A 67 -7.65 -19.02 0.87
CA TYR A 67 -8.61 -18.02 1.33
C TYR A 67 -9.87 -18.69 1.91
N ASN A 68 -10.51 -19.58 1.13
CA ASN A 68 -11.72 -20.27 1.57
C ASN A 68 -11.50 -21.10 2.84
N ASP A 69 -10.33 -21.79 2.96
CA ASP A 69 -10.03 -22.61 4.14
C ASP A 69 -9.84 -21.70 5.36
N GLY A 70 -9.15 -20.57 5.16
CA GLY A 70 -8.93 -19.57 6.19
C GLY A 70 -10.23 -18.97 6.66
N LEU A 71 -11.10 -18.56 5.71
CA LEU A 71 -12.43 -18.00 5.99
C LEU A 71 -13.25 -19.00 6.81
N ALA A 72 -13.26 -20.30 6.44
CA ALA A 72 -14.00 -21.36 7.14
C ALA A 72 -13.60 -21.46 8.62
N ALA A 73 -12.33 -21.13 8.96
CA ALA A 73 -11.83 -21.15 10.33
C ALA A 73 -11.84 -19.74 10.96
N SER A 74 -12.64 -18.80 10.41
CA SER A 74 -12.74 -17.39 10.83
C SER A 74 -11.31 -16.78 10.96
N ALA A 75 -10.40 -17.21 10.05
CA ALA A 75 -8.99 -16.80 9.99
C ALA A 75 -8.58 -16.49 8.54
N ALA A 76 -9.43 -15.77 7.80
CA ALA A 76 -9.15 -15.41 6.41
C ALA A 76 -7.90 -14.52 6.29
N PRO A 77 -7.01 -14.75 5.29
CA PRO A 77 -5.91 -13.78 5.06
C PRO A 77 -6.47 -12.39 4.75
N VAL A 78 -5.84 -11.37 5.29
CA VAL A 78 -6.19 -9.96 5.03
C VAL A 78 -5.40 -9.54 3.76
N PHE A 79 -4.09 -9.82 3.78
CA PHE A 79 -3.22 -9.49 2.66
C PHE A 79 -2.80 -10.70 1.86
N LEU A 80 -2.54 -10.45 0.58
CA LEU A 80 -1.98 -11.43 -0.34
C LEU A 80 -0.72 -10.79 -0.93
N ALA A 81 0.45 -11.30 -0.61
CA ALA A 81 1.70 -10.76 -1.13
C ALA A 81 2.21 -11.68 -2.23
N LEU A 82 2.32 -11.16 -3.44
CA LEU A 82 2.86 -11.88 -4.59
C LEU A 82 4.30 -11.43 -4.75
N VAL A 83 5.25 -12.37 -4.67
CA VAL A 83 6.67 -12.00 -4.68
C VAL A 83 7.31 -12.58 -5.92
N GLY A 84 7.60 -11.68 -6.85
CA GLY A 84 8.23 -12.02 -8.11
C GLY A 84 7.58 -11.27 -9.26
N ASP A 85 8.27 -11.27 -10.40
CA ASP A 85 7.78 -10.70 -11.66
C ASP A 85 6.94 -11.76 -12.39
N THR A 86 6.53 -11.50 -13.64
CA THR A 86 5.65 -12.36 -14.43
C THR A 86 6.32 -13.67 -14.86
N ASP A 87 7.66 -13.78 -14.76
CA ASP A 87 8.37 -15.04 -15.07
C ASP A 87 8.11 -16.08 -13.96
N VAL A 88 7.60 -15.64 -12.78
CA VAL A 88 7.30 -16.59 -11.71
C VAL A 88 5.78 -16.62 -11.34
N ILE A 89 5.08 -15.46 -11.37
CA ILE A 89 3.62 -15.35 -11.10
C ILE A 89 3.09 -14.52 -12.22
N SER A 90 2.51 -15.17 -13.24
CA SER A 90 2.23 -14.49 -14.50
C SER A 90 1.15 -13.39 -14.49
N GLY A 91 0.16 -13.55 -13.63
CA GLY A 91 -1.07 -12.74 -13.72
C GLY A 91 -1.81 -13.26 -14.94
N GLU A 92 -2.89 -12.60 -15.33
CA GLU A 92 -3.62 -13.02 -16.53
C GLU A 92 -4.17 -11.80 -17.21
N LYS A 93 -4.64 -11.96 -18.45
CA LYS A 93 -5.20 -10.88 -19.23
C LYS A 93 -6.56 -10.49 -18.65
N GLY A 94 -6.76 -9.21 -18.37
CA GLY A 94 -8.03 -8.71 -17.90
C GLY A 94 -9.15 -8.92 -18.92
N LYS A 95 -10.33 -9.33 -18.45
CA LYS A 95 -11.53 -9.52 -19.30
C LYS A 95 -11.99 -8.20 -19.93
N LYS A 96 -11.82 -7.10 -19.19
CA LYS A 96 -12.20 -5.76 -19.64
C LYS A 96 -10.96 -5.01 -20.11
N THR A 97 -9.86 -5.10 -19.35
CA THR A 97 -8.66 -4.31 -19.70
C THR A 97 -7.87 -4.84 -20.89
N LYS A 98 -7.88 -6.16 -21.12
CA LYS A 98 -7.07 -6.80 -22.18
C LYS A 98 -5.56 -6.68 -21.85
N LYS A 99 -5.23 -6.35 -20.59
CA LYS A 99 -3.84 -6.20 -20.15
C LYS A 99 -3.64 -6.99 -18.85
N VAL A 100 -2.38 -7.24 -18.49
CA VAL A 100 -2.11 -8.04 -17.31
C VAL A 100 -2.79 -7.50 -16.06
N THR A 101 -3.30 -8.43 -15.24
CA THR A 101 -3.91 -8.11 -13.97
C THR A 101 -3.62 -9.20 -12.95
N ASP A 102 -3.56 -8.77 -11.67
CA ASP A 102 -3.46 -9.68 -10.52
C ASP A 102 -4.83 -9.83 -9.87
N LEU A 103 -5.86 -9.16 -10.43
CA LEU A 103 -7.17 -9.16 -9.78
C LEU A 103 -7.69 -10.56 -9.46
N TYR A 104 -7.53 -11.50 -10.37
CA TYR A 104 -8.19 -12.80 -10.24
C TYR A 104 -7.46 -13.72 -9.23
N TYR A 105 -6.27 -13.32 -8.76
CA TYR A 105 -5.65 -14.03 -7.62
C TYR A 105 -6.43 -13.68 -6.35
N SER A 106 -6.86 -12.40 -6.21
CA SER A 106 -7.53 -11.85 -5.02
C SER A 106 -9.04 -11.99 -5.04
N ALA A 107 -9.64 -12.07 -6.23
CA ALA A 107 -11.09 -12.17 -6.40
C ALA A 107 -11.48 -13.65 -6.35
N VAL A 108 -11.96 -14.10 -5.18
CA VAL A 108 -12.21 -15.52 -4.93
C VAL A 108 -13.64 -15.94 -5.32
N ASP A 109 -14.66 -15.19 -4.89
CA ASP A 109 -16.04 -15.51 -5.24
C ASP A 109 -16.38 -14.85 -6.58
N GLY A 110 -17.66 -14.87 -6.96
CA GLY A 110 -18.11 -14.46 -8.29
C GLY A 110 -18.08 -13.02 -8.76
N ASP A 111 -17.92 -12.05 -7.86
CA ASP A 111 -17.94 -10.64 -8.29
C ASP A 111 -16.51 -10.14 -8.63
N TYR A 112 -16.35 -8.83 -8.94
CA TYR A 112 -15.03 -8.31 -9.28
C TYR A 112 -14.36 -7.60 -8.08
N PHE A 113 -14.94 -7.74 -6.85
CA PHE A 113 -14.34 -7.17 -5.64
C PHE A 113 -13.36 -8.17 -5.02
N PRO A 114 -12.12 -7.74 -4.75
CA PRO A 114 -11.16 -8.65 -4.13
C PRO A 114 -11.59 -9.11 -2.74
N GLU A 115 -11.15 -10.29 -2.33
CA GLU A 115 -11.39 -10.80 -0.98
C GLU A 115 -10.22 -10.43 -0.09
N MET A 116 -9.07 -10.14 -0.70
CA MET A 116 -7.83 -9.82 -0.02
C MET A 116 -7.14 -8.58 -0.61
N TYR A 117 -6.42 -7.83 0.22
CA TYR A 117 -5.59 -6.69 -0.25
C TYR A 117 -4.35 -7.30 -0.89
N THR A 118 -4.21 -7.15 -2.22
CA THR A 118 -3.13 -7.82 -2.97
C THR A 118 -2.12 -6.83 -3.46
N PHE A 119 -0.84 -7.19 -3.32
CA PHE A 119 0.25 -6.36 -3.83
C PHE A 119 1.34 -7.25 -4.38
N ARG A 120 2.14 -6.67 -5.27
CA ARG A 120 3.20 -7.44 -5.88
C ARG A 120 4.55 -6.80 -5.65
N MET A 121 5.46 -7.57 -5.01
CA MET A 121 6.85 -7.22 -4.79
C MET A 121 7.56 -7.72 -6.01
N SER A 122 7.47 -6.96 -7.11
CA SER A 122 8.03 -7.43 -8.37
C SER A 122 9.53 -7.17 -8.46
N ALA A 123 10.31 -8.24 -8.63
CA ALA A 123 11.77 -8.13 -8.73
C ALA A 123 12.28 -9.12 -9.74
N SER A 124 13.42 -8.80 -10.39
CA SER A 124 14.03 -9.71 -11.36
C SER A 124 15.22 -10.43 -10.73
N SER A 125 15.61 -10.02 -9.51
CA SER A 125 16.72 -10.65 -8.81
C SER A 125 16.49 -10.54 -7.31
N PRO A 126 17.13 -11.40 -6.49
CA PRO A 126 17.03 -11.21 -5.03
C PRO A 126 17.56 -9.84 -4.62
N GLU A 127 18.61 -9.31 -5.30
CA GLU A 127 19.12 -7.97 -4.96
C GLU A 127 18.00 -6.91 -5.10
N GLU A 128 17.23 -6.96 -6.19
CA GLU A 128 16.15 -5.98 -6.39
C GLU A 128 15.07 -6.15 -5.34
N LEU A 129 14.80 -7.41 -4.94
CA LEU A 129 13.79 -7.61 -3.89
C LEU A 129 14.27 -7.00 -2.57
N THR A 130 15.56 -7.20 -2.23
CA THR A 130 16.18 -6.65 -1.02
C THR A 130 16.14 -5.09 -1.08
N ASN A 131 16.30 -4.50 -2.27
CA ASN A 131 16.20 -3.03 -2.40
C ASN A 131 14.84 -2.54 -1.91
N ILE A 132 13.76 -3.24 -2.32
CA ILE A 132 12.39 -2.89 -1.91
C ILE A 132 12.26 -3.07 -0.41
N ILE A 133 12.62 -4.25 0.10
CA ILE A 133 12.55 -4.57 1.53
C ILE A 133 13.30 -3.53 2.39
N ASP A 134 14.53 -3.19 2.01
CA ASP A 134 15.33 -2.23 2.79
C ASP A 134 14.63 -0.87 2.92
N LYS A 135 13.96 -0.40 1.87
CA LYS A 135 13.20 0.87 1.91
C LYS A 135 11.99 0.74 2.82
N VAL A 136 11.27 -0.38 2.68
CA VAL A 136 10.10 -0.66 3.51
C VAL A 136 10.52 -0.71 5.00
N LEU A 137 11.58 -1.44 5.33
CA LEU A 137 11.98 -1.55 6.74
C LEU A 137 12.42 -0.21 7.32
N MET A 138 13.17 0.61 6.55
CA MET A 138 13.55 1.92 7.05
C MET A 138 12.31 2.76 7.33
N TYR A 139 11.33 2.70 6.43
CA TYR A 139 10.13 3.52 6.57
C TYR A 139 9.30 3.04 7.76
N GLU A 140 8.98 1.74 7.79
CA GLU A 140 8.09 1.21 8.84
C GLU A 140 8.73 1.18 10.21
N LYS A 141 10.06 0.91 10.32
CA LYS A 141 10.76 0.93 11.63
C LYS A 141 11.15 2.36 12.00
N ALA A 142 10.97 3.30 11.04
CA ALA A 142 11.25 4.75 11.17
C ALA A 142 12.69 4.96 11.66
N THR A 143 13.65 4.35 10.93
CA THR A 143 15.06 4.42 11.26
C THR A 143 15.77 5.50 10.40
N MET A 144 15.02 6.26 9.59
CA MET A 144 15.61 7.30 8.76
C MET A 144 16.26 8.40 9.67
N PRO A 145 17.46 8.90 9.34
CA PRO A 145 18.10 9.91 10.22
C PRO A 145 17.42 11.29 10.22
N ASP A 146 16.60 11.60 9.19
CA ASP A 146 15.89 12.87 9.12
C ASP A 146 14.42 12.61 8.77
N LYS A 147 13.55 12.69 9.79
CA LYS A 147 12.12 12.43 9.64
C LYS A 147 11.37 13.62 9.01
N SER A 148 12.01 14.79 8.89
CA SER A 148 11.28 15.96 8.39
C SER A 148 10.83 15.86 6.94
N TYR A 149 11.42 14.94 6.13
CA TYR A 149 11.00 14.73 4.73
C TYR A 149 9.54 14.22 4.70
N LEU A 150 9.07 13.64 5.82
CA LEU A 150 7.71 13.13 5.95
C LEU A 150 6.65 14.21 5.96
N GLU A 151 7.06 15.46 6.22
CA GLU A 151 6.15 16.60 6.30
C GLU A 151 6.00 17.28 4.93
N LYS A 152 6.46 16.60 3.87
CA LYS A 152 6.49 17.19 2.54
C LYS A 152 5.88 16.27 1.50
N VAL A 153 5.24 16.87 0.48
CA VAL A 153 4.60 16.09 -0.61
C VAL A 153 4.83 16.76 -1.95
N LEU A 154 4.68 15.99 -3.02
CA LEU A 154 4.79 16.53 -4.38
C LEU A 154 3.50 16.20 -5.10
N LEU A 155 2.81 17.21 -5.66
CA LEU A 155 1.55 16.97 -6.38
C LEU A 155 1.61 17.62 -7.76
N ILE A 156 1.37 16.84 -8.83
CA ILE A 156 1.48 17.40 -10.18
C ILE A 156 0.22 17.10 -11.01
N ALA A 157 -0.38 18.17 -11.59
CA ALA A 157 -1.43 18.06 -12.59
C ALA A 157 -0.66 18.25 -13.89
N GLY A 158 -0.30 17.16 -14.54
CA GLY A 158 0.51 17.20 -15.76
C GLY A 158 -0.21 17.78 -16.96
N ALA A 159 0.51 17.86 -18.10
CA ALA A 159 -0.01 18.49 -19.29
C ALA A 159 -1.04 17.67 -20.04
N ASP A 160 -2.11 18.37 -20.45
CA ASP A 160 -3.14 17.92 -21.39
C ASP A 160 -3.94 19.14 -21.80
N TYR A 161 -3.99 19.42 -23.11
CA TYR A 161 -4.68 20.60 -23.64
C TYR A 161 -6.16 20.67 -23.19
N SER A 162 -6.85 19.52 -23.09
CA SER A 162 -8.28 19.54 -22.74
C SER A 162 -8.55 19.16 -21.28
N TRP A 163 -7.72 18.32 -20.66
CA TRP A 163 -8.08 17.76 -19.36
C TRP A 163 -7.30 18.27 -18.15
N ASN A 164 -6.21 18.99 -18.37
CA ASN A 164 -5.47 19.58 -17.25
C ASN A 164 -6.41 20.53 -16.48
N SER A 165 -7.18 21.37 -17.21
CA SER A 165 -8.08 22.32 -16.54
C SER A 165 -9.35 21.61 -16.05
N GLN A 166 -9.80 20.58 -16.78
CA GLN A 166 -11.05 19.91 -16.45
C GLN A 166 -10.97 18.95 -15.28
N VAL A 167 -9.86 18.21 -15.15
CA VAL A 167 -9.76 17.20 -14.11
C VAL A 167 -8.44 17.27 -13.32
N GLY A 168 -7.32 17.52 -13.97
CA GLY A 168 -6.03 17.52 -13.29
C GLY A 168 -5.92 18.57 -12.19
N GLN A 169 -6.17 19.83 -12.55
CA GLN A 169 -6.08 20.90 -11.54
C GLN A 169 -7.16 20.73 -10.46
N PRO A 170 -8.44 20.47 -10.79
CA PRO A 170 -9.44 20.23 -9.72
C PRO A 170 -9.04 19.10 -8.76
N THR A 171 -8.43 17.99 -9.26
CA THR A 171 -7.99 16.89 -8.39
C THR A 171 -6.95 17.37 -7.39
N ILE A 172 -5.86 17.98 -7.90
CA ILE A 172 -4.78 18.40 -7.02
C ILE A 172 -5.25 19.49 -6.06
N LYS A 173 -6.09 20.44 -6.54
CA LYS A 173 -6.59 21.54 -5.69
C LYS A 173 -7.47 20.96 -4.55
N TYR A 174 -8.26 19.91 -4.84
CA TYR A 174 -9.08 19.23 -3.81
C TYR A 174 -8.14 18.63 -2.73
N GLY A 175 -7.11 17.89 -3.16
CA GLY A 175 -6.13 17.34 -2.23
C GLY A 175 -5.52 18.39 -1.32
N MET A 176 -5.10 19.53 -1.90
CA MET A 176 -4.51 20.63 -1.14
C MET A 176 -5.51 21.36 -0.23
N GLN A 177 -6.75 21.58 -0.71
CA GLN A 177 -7.69 22.29 0.13
C GLN A 177 -7.97 21.57 1.46
N TYR A 178 -8.27 20.27 1.38
CA TYR A 178 -8.72 19.50 2.53
C TYR A 178 -7.66 18.72 3.29
N TYR A 179 -6.53 18.35 2.68
CA TYR A 179 -5.60 17.44 3.36
C TYR A 179 -4.12 17.81 3.27
N TYR A 180 -3.58 18.00 2.07
CA TYR A 180 -2.15 18.29 1.91
C TYR A 180 -1.91 19.78 2.15
N ASN A 181 -1.90 20.13 3.45
CA ASN A 181 -1.81 21.52 3.88
C ASN A 181 -1.21 21.61 5.29
N GLN A 182 -0.91 22.86 5.72
CA GLN A 182 -0.29 23.18 7.02
C GLN A 182 -1.16 22.71 8.19
N GLU A 183 -2.49 22.80 8.05
CA GLU A 183 -3.44 22.35 9.10
C GLU A 183 -3.28 20.84 9.41
N HIS A 184 -2.83 20.05 8.41
CA HIS A 184 -2.65 18.62 8.60
C HIS A 184 -1.18 18.28 8.89
N GLY A 185 -0.33 19.30 9.09
CA GLY A 185 1.08 19.12 9.45
C GLY A 185 2.07 19.17 8.30
N TYR A 186 1.58 19.36 7.05
CA TYR A 186 2.51 19.42 5.92
C TYR A 186 3.15 20.77 5.82
N THR A 187 4.49 20.82 5.87
CA THR A 187 5.22 22.09 5.81
C THR A 187 5.56 22.52 4.40
N ASP A 188 5.73 21.55 3.49
CA ASP A 188 6.11 21.84 2.10
C ASP A 188 5.22 21.05 1.17
N VAL A 189 4.32 21.74 0.46
CA VAL A 189 3.40 21.09 -0.47
C VAL A 189 3.78 21.58 -1.85
N TYR A 190 4.75 20.88 -2.46
CA TYR A 190 5.25 21.23 -3.81
C TYR A 190 4.15 20.85 -4.78
N ASN A 191 3.61 21.85 -5.49
CA ASN A 191 2.52 21.55 -6.42
C ASN A 191 2.71 22.27 -7.73
N TYR A 192 2.42 21.56 -8.83
CA TYR A 192 2.57 22.07 -10.19
C TYR A 192 1.26 21.83 -10.91
N LEU A 193 0.51 22.89 -11.13
CA LEU A 193 -0.82 22.81 -11.73
C LEU A 193 -0.80 22.95 -13.24
N LYS A 194 0.26 23.56 -13.78
CA LYS A 194 0.40 23.87 -15.22
C LYS A 194 1.84 24.20 -15.54
N ALA A 195 2.15 24.35 -16.82
CA ALA A 195 3.49 24.73 -17.27
C ALA A 195 3.81 26.18 -16.84
N PRO A 196 5.07 26.51 -16.47
CA PRO A 196 6.28 25.67 -16.51
C PRO A 196 6.37 24.67 -15.36
N TYR A 197 6.78 23.44 -15.68
CA TYR A 197 6.99 22.38 -14.69
C TYR A 197 8.45 22.30 -14.26
N THR A 198 9.32 23.18 -14.81
CA THR A 198 10.76 23.23 -14.51
C THR A 198 11.06 22.99 -13.03
N GLY A 199 11.90 21.98 -12.77
CA GLY A 199 12.36 21.59 -11.43
C GLY A 199 11.38 20.81 -10.56
N CYS A 200 10.19 20.42 -11.10
CA CYS A 200 9.19 19.70 -10.32
C CYS A 200 9.69 18.36 -9.75
N TYR A 201 10.64 17.69 -10.41
CA TYR A 201 11.10 16.38 -9.89
C TYR A 201 12.34 16.50 -8.98
N SER A 202 12.88 17.73 -8.80
CA SER A 202 14.01 17.91 -7.87
C SER A 202 13.57 17.58 -6.44
N HIS A 203 12.27 17.78 -6.13
CA HIS A 203 11.68 17.54 -4.81
C HIS A 203 11.69 16.05 -4.44
N LEU A 204 11.71 15.17 -5.46
CA LEU A 204 11.85 13.73 -5.22
C LEU A 204 13.18 13.47 -4.56
N ASN A 205 14.21 14.29 -4.89
CA ASN A 205 15.52 14.11 -4.28
C ASN A 205 15.63 14.78 -2.92
N THR A 206 15.14 16.02 -2.80
CA THR A 206 15.28 16.82 -1.57
C THR A 206 14.45 16.17 -0.44
N GLY A 207 13.36 15.50 -0.83
CA GLY A 207 12.58 14.72 0.11
C GLY A 207 11.10 15.02 0.15
N VAL A 208 10.30 13.96 -0.11
CA VAL A 208 8.85 13.97 -0.02
C VAL A 208 8.40 12.62 0.52
N SER A 209 7.27 12.58 1.20
CA SER A 209 6.69 11.35 1.72
C SER A 209 5.80 10.71 0.66
N PHE A 210 5.32 11.54 -0.27
CA PHE A 210 4.27 11.17 -1.22
C PHE A 210 4.42 11.99 -2.49
N ALA A 211 4.25 11.32 -3.63
CA ALA A 211 4.29 11.94 -4.94
C ALA A 211 3.11 11.46 -5.75
N ASN A 212 2.25 12.37 -6.16
CA ASN A 212 1.06 12.02 -6.95
C ASN A 212 1.09 12.79 -8.26
N TYR A 213 1.10 12.06 -9.38
CA TYR A 213 1.07 12.65 -10.72
C TYR A 213 -0.23 12.24 -11.43
N THR A 214 -0.96 13.20 -11.98
CA THR A 214 -2.16 12.91 -12.77
C THR A 214 -2.06 13.62 -14.13
N ALA A 215 -2.01 12.82 -15.22
CA ALA A 215 -1.96 13.20 -16.65
C ALA A 215 -1.54 11.99 -17.50
N HIS A 216 -0.73 12.20 -18.55
CA HIS A 216 -0.36 11.10 -19.45
C HIS A 216 0.75 10.25 -18.91
N GLY A 217 0.67 8.98 -19.22
CA GLY A 217 1.71 8.03 -18.85
C GLY A 217 2.06 7.09 -19.98
N SER A 218 3.22 6.46 -19.84
CA SER A 218 3.67 5.42 -20.77
C SER A 218 4.13 4.26 -19.92
N GLU A 219 4.50 3.14 -20.53
CA GLU A 219 4.94 1.99 -19.71
C GLU A 219 6.17 2.35 -18.88
N THR A 220 7.02 3.30 -19.36
CA THR A 220 8.27 3.58 -18.65
C THR A 220 8.39 5.05 -18.23
N ALA A 221 7.27 5.80 -18.10
CA ALA A 221 7.36 7.22 -17.74
C ALA A 221 6.05 7.85 -17.36
N TRP A 222 6.17 8.91 -16.54
CA TRP A 222 5.20 9.99 -16.32
C TRP A 222 5.57 10.86 -17.52
N ALA A 223 4.65 11.05 -18.47
CA ALA A 223 5.00 11.62 -19.77
C ALA A 223 5.29 13.11 -19.80
N ASP A 224 4.52 13.94 -19.10
CA ASP A 224 4.70 15.39 -19.23
C ASP A 224 4.09 16.10 -18.02
N PRO A 225 4.93 16.63 -17.08
CA PRO A 225 6.40 16.71 -17.11
C PRO A 225 7.03 15.32 -17.09
N LEU A 226 8.06 15.17 -17.93
CA LEU A 226 8.69 13.86 -18.13
C LEU A 226 9.52 13.35 -16.96
N LEU A 227 9.26 12.08 -16.59
CA LEU A 227 10.04 11.33 -15.61
C LEU A 227 10.13 9.90 -16.12
N THR A 228 11.26 9.55 -16.73
CA THR A 228 11.46 8.21 -17.28
C THR A 228 12.08 7.24 -16.25
N THR A 229 12.07 5.93 -16.56
CA THR A 229 12.74 4.92 -15.75
C THR A 229 14.26 5.23 -15.68
N SER A 230 14.87 5.82 -16.74
CA SER A 230 16.27 6.23 -16.68
C SER A 230 16.50 7.32 -15.62
N GLN A 231 15.59 8.32 -15.56
CA GLN A 231 15.66 9.35 -14.52
C GLN A 231 15.44 8.77 -13.13
N LEU A 232 14.54 7.78 -13.00
CA LEU A 232 14.30 7.15 -11.68
C LEU A 232 15.59 6.52 -11.14
N LYS A 233 16.36 5.89 -12.03
CA LYS A 233 17.63 5.25 -11.62
C LYS A 233 18.67 6.29 -11.18
N ALA A 234 18.46 7.57 -11.54
CA ALA A 234 19.41 8.62 -11.19
C ALA A 234 18.94 9.46 -9.99
N LEU A 235 17.85 9.02 -9.30
CA LEU A 235 17.36 9.72 -8.11
C LEU A 235 18.38 9.58 -6.97
N THR A 236 18.36 10.51 -6.00
CA THR A 236 19.34 10.52 -4.92
C THR A 236 18.66 10.64 -3.55
N ASN A 237 17.38 10.22 -3.41
CA ASN A 237 16.65 10.36 -2.15
C ASN A 237 17.01 9.26 -1.14
N LYS A 238 18.31 9.12 -0.83
CA LYS A 238 18.73 8.17 0.22
C LYS A 238 18.01 8.48 1.52
N ASP A 239 17.45 7.44 2.19
CA ASP A 239 16.77 7.54 3.50
C ASP A 239 15.48 8.39 3.48
N LYS A 240 14.93 8.67 2.27
CA LYS A 240 13.74 9.51 2.13
C LYS A 240 12.79 8.85 1.15
N TYR A 241 12.27 7.66 1.51
CA TYR A 241 11.45 6.85 0.59
C TYR A 241 9.99 7.24 0.66
N PHE A 242 9.34 7.26 -0.52
CA PHE A 242 7.96 7.71 -0.60
C PHE A 242 7.00 6.70 -1.16
N LEU A 243 5.71 7.01 -1.03
CA LEU A 243 4.65 6.35 -1.75
C LEU A 243 4.43 7.18 -3.01
N ALA A 244 4.36 6.55 -4.18
CA ALA A 244 4.07 7.30 -5.40
C ALA A 244 2.82 6.71 -6.05
N ILE A 245 1.98 7.58 -6.56
CA ILE A 245 0.74 7.21 -7.24
C ILE A 245 0.73 7.88 -8.61
N GLY A 246 0.61 7.05 -9.64
CA GLY A 246 0.51 7.51 -11.01
C GLY A 246 -0.91 7.31 -11.48
N ASN A 247 -1.71 8.41 -11.50
CA ASN A 247 -3.09 8.34 -12.01
C ASN A 247 -2.96 8.70 -13.47
N CYS A 248 -2.55 7.70 -14.26
CA CYS A 248 -2.18 7.86 -15.66
C CYS A 248 -2.12 6.51 -16.33
N CYS A 249 -1.98 6.50 -17.66
CA CYS A 249 -1.97 5.18 -18.31
C CYS A 249 -0.68 4.43 -18.13
N ILE A 250 -0.86 3.11 -18.11
CA ILE A 250 0.04 1.98 -18.30
C ILE A 250 1.40 2.00 -17.52
N THR A 251 1.63 2.90 -16.54
CA THR A 251 2.93 2.87 -15.81
C THR A 251 3.11 1.59 -14.95
N ALA A 252 2.01 0.89 -14.64
CA ALA A 252 2.09 -0.33 -13.83
C ALA A 252 1.84 -1.57 -14.71
N GLN A 253 2.18 -1.49 -16.03
CA GLN A 253 1.96 -2.64 -16.93
C GLN A 253 3.14 -3.57 -16.72
N PHE A 254 3.08 -4.36 -15.66
CA PHE A 254 4.23 -5.13 -15.18
C PHE A 254 4.61 -6.39 -16.01
N ASP A 255 3.94 -6.71 -17.13
CA ASP A 255 4.35 -7.80 -18.00
C ASP A 255 4.99 -7.19 -19.30
N TYR A 256 5.24 -5.88 -19.30
CA TYR A 256 5.85 -5.21 -20.46
C TYR A 256 7.28 -5.79 -20.76
N VAL A 257 7.73 -5.62 -22.02
CA VAL A 257 9.03 -6.15 -22.50
C VAL A 257 10.20 -5.60 -21.66
N GLN A 258 10.03 -4.38 -21.11
CA GLN A 258 11.00 -3.77 -20.20
C GLN A 258 10.37 -3.64 -18.83
N PRO A 259 11.15 -3.52 -17.73
CA PRO A 259 10.54 -3.24 -16.42
C PRO A 259 9.72 -1.94 -16.52
N CYS A 260 8.45 -1.98 -16.06
CA CYS A 260 7.61 -0.80 -16.15
C CYS A 260 8.04 0.22 -15.11
N PHE A 261 7.53 1.45 -15.27
CA PHE A 261 7.79 2.57 -14.35
C PHE A 261 7.53 2.17 -12.87
N GLY A 262 6.40 1.52 -12.59
CA GLY A 262 6.09 1.09 -11.22
C GLY A 262 7.11 0.10 -10.67
N GLU A 263 7.60 -0.79 -11.52
CA GLU A 263 8.61 -1.77 -11.12
C GLU A 263 9.90 -1.07 -10.85
N VAL A 264 10.34 -0.17 -11.76
CA VAL A 264 11.63 0.53 -11.56
C VAL A 264 11.59 1.41 -10.31
N ILE A 265 10.48 2.16 -10.11
CA ILE A 265 10.47 3.10 -8.98
C ILE A 265 10.54 2.37 -7.62
N THR A 266 10.07 1.10 -7.56
CA THR A 266 10.18 0.34 -6.32
C THR A 266 11.48 -0.47 -6.27
N ARG A 267 12.00 -0.97 -7.42
CA ARG A 267 13.23 -1.77 -7.42
C ARG A 267 14.51 -0.98 -7.19
N VAL A 268 14.53 0.34 -7.54
CA VAL A 268 15.79 1.13 -7.44
C VAL A 268 16.36 1.15 -6.00
N LYS A 269 17.68 0.95 -5.89
CA LYS A 269 18.36 0.85 -4.58
C LYS A 269 18.51 2.20 -3.90
N GLU A 270 18.09 2.26 -2.62
CA GLU A 270 18.31 3.43 -1.75
C GLU A 270 17.86 4.74 -2.41
N LYS A 271 16.78 4.65 -3.17
CA LYS A 271 16.17 5.79 -3.84
C LYS A 271 14.77 5.37 -4.29
N GLY A 272 14.00 6.31 -4.82
CA GLY A 272 12.67 6.00 -5.30
C GLY A 272 11.66 5.72 -4.18
N ALA A 273 10.77 4.80 -4.44
CA ALA A 273 9.60 4.51 -3.60
C ALA A 273 9.65 3.21 -2.82
N TYR A 274 8.84 3.10 -1.75
CA TYR A 274 8.68 1.81 -1.06
C TYR A 274 7.44 1.08 -1.64
N ALA A 275 6.57 1.85 -2.31
CA ALA A 275 5.36 1.31 -2.94
C ALA A 275 4.89 2.23 -4.04
N TYR A 276 4.17 1.65 -5.01
CA TYR A 276 3.62 2.39 -6.14
C TYR A 276 2.23 1.92 -6.46
N ILE A 277 1.31 2.87 -6.67
CA ILE A 277 -0.05 2.57 -7.13
C ILE A 277 -0.12 3.13 -8.56
N GLY A 278 -0.50 2.29 -9.51
CA GLY A 278 -0.66 2.76 -10.89
C GLY A 278 -1.54 1.80 -11.66
N SER A 279 -1.73 2.09 -12.95
CA SER A 279 -2.58 1.29 -13.82
C SER A 279 -1.79 0.45 -14.83
N SER A 280 -2.19 -0.82 -15.01
CA SER A 280 -1.62 -1.72 -16.01
C SER A 280 -2.11 -1.31 -17.44
N PRO A 281 -3.43 -1.13 -17.69
CA PRO A 281 -3.88 -0.62 -19.00
C PRO A 281 -4.00 0.91 -18.96
N ASN A 282 -4.67 1.49 -19.96
CA ASN A 282 -4.94 2.94 -19.92
C ASN A 282 -5.84 3.25 -18.74
N SER A 283 -5.68 4.44 -18.15
CA SER A 283 -6.62 4.94 -17.15
C SER A 283 -7.42 6.01 -17.87
N TYR A 284 -8.57 6.38 -17.32
CA TYR A 284 -9.44 7.34 -17.99
C TYR A 284 -9.58 8.58 -17.12
N TRP A 285 -9.74 9.74 -17.76
CA TRP A 285 -9.82 11.04 -17.05
C TRP A 285 -11.00 11.11 -16.08
N GLY A 286 -12.18 10.68 -16.54
CA GLY A 286 -13.37 10.64 -15.72
C GLY A 286 -13.22 9.77 -14.49
N GLU A 287 -12.92 8.47 -14.66
CA GLU A 287 -12.81 7.62 -13.48
C GLU A 287 -11.65 8.02 -12.56
N ASP A 288 -10.50 8.48 -13.13
CA ASP A 288 -9.37 8.89 -12.28
C ASP A 288 -9.75 10.08 -11.38
N TYR A 289 -10.59 10.98 -11.90
CA TYR A 289 -11.04 12.17 -11.16
C TYR A 289 -11.81 11.71 -9.93
N TYR A 290 -12.77 10.77 -10.11
CA TYR A 290 -13.55 10.26 -8.97
C TYR A 290 -12.66 9.45 -8.05
N TRP A 291 -11.74 8.67 -8.62
CA TRP A 291 -10.79 7.84 -7.87
C TRP A 291 -10.12 8.69 -6.76
N SER A 292 -9.60 9.86 -7.13
CA SER A 292 -8.91 10.70 -6.16
C SER A 292 -9.82 11.53 -5.28
N VAL A 293 -10.88 12.16 -5.84
CA VAL A 293 -11.68 13.13 -5.07
C VAL A 293 -13.01 12.58 -4.54
N GLY A 294 -13.57 11.59 -5.24
CA GLY A 294 -14.87 10.99 -4.93
C GLY A 294 -15.84 11.18 -6.09
N ALA A 295 -16.96 10.42 -6.09
CA ALA A 295 -18.01 10.57 -7.09
C ALA A 295 -18.70 11.92 -6.90
N ASN A 296 -19.48 12.33 -7.90
CA ASN A 296 -20.26 13.57 -7.96
C ASN A 296 -19.41 14.81 -8.22
N ALA A 297 -18.12 14.61 -8.52
CA ALA A 297 -17.22 15.70 -8.92
C ALA A 297 -17.62 16.09 -10.34
N VAL A 298 -17.51 17.37 -10.66
CA VAL A 298 -17.91 17.91 -11.98
C VAL A 298 -16.66 18.39 -12.71
N PHE A 299 -16.55 18.07 -14.00
CA PHE A 299 -15.42 18.50 -14.83
C PHE A 299 -15.31 20.04 -14.89
N GLY A 300 -14.10 20.55 -14.73
CA GLY A 300 -13.80 21.98 -14.78
C GLY A 300 -14.27 22.77 -13.58
N VAL A 301 -14.80 22.09 -12.53
CA VAL A 301 -15.29 22.76 -11.31
C VAL A 301 -14.56 22.13 -10.14
N GLN A 302 -13.83 22.96 -9.38
CA GLN A 302 -13.12 22.46 -8.19
C GLN A 302 -14.14 21.80 -7.24
N PRO A 303 -13.99 20.52 -6.97
CA PRO A 303 -15.01 19.83 -6.16
C PRO A 303 -14.93 20.14 -4.67
N THR A 304 -16.08 20.04 -3.98
CA THR A 304 -16.12 20.26 -2.53
C THR A 304 -16.14 18.93 -1.82
N PHE A 305 -15.74 18.95 -0.54
CA PHE A 305 -15.77 17.79 0.35
C PHE A 305 -17.22 17.38 0.59
N GLU A 306 -18.11 18.34 0.88
CA GLU A 306 -19.50 17.98 1.17
C GLU A 306 -20.28 17.54 -0.08
N GLY A 307 -19.83 17.94 -1.26
CA GLY A 307 -20.54 17.63 -2.50
C GLY A 307 -20.12 16.35 -3.20
N THR A 308 -19.12 15.65 -2.65
CA THR A 308 -18.62 14.43 -3.31
C THR A 308 -18.68 13.26 -2.36
N SER A 309 -18.61 12.02 -2.88
CA SER A 309 -18.53 10.84 -2.02
C SER A 309 -17.05 10.66 -1.59
N MET A 310 -16.73 9.59 -0.87
CA MET A 310 -15.36 9.37 -0.41
C MET A 310 -14.45 8.88 -1.52
N GLY A 311 -13.37 9.63 -1.78
CA GLY A 311 -12.35 9.24 -2.74
C GLY A 311 -11.09 8.76 -2.04
N SER A 312 -10.02 8.52 -2.82
CA SER A 312 -8.76 8.01 -2.27
C SER A 312 -8.14 9.01 -1.27
N TYR A 313 -8.15 10.31 -1.57
CA TYR A 313 -7.59 11.29 -0.61
C TYR A 313 -8.36 11.25 0.71
N ASP A 314 -9.71 11.29 0.61
CA ASP A 314 -10.59 11.30 1.79
C ASP A 314 -10.33 10.08 2.68
N ALA A 315 -10.24 8.91 2.06
CA ALA A 315 -10.01 7.66 2.77
C ALA A 315 -8.67 7.66 3.45
N THR A 316 -7.63 8.10 2.72
CA THR A 316 -6.28 8.19 3.29
C THR A 316 -6.32 8.93 4.64
N PHE A 317 -7.01 10.09 4.67
CA PHE A 317 -7.00 10.96 5.82
C PHE A 317 -8.03 10.63 6.89
N LEU A 318 -8.84 9.57 6.71
CA LEU A 318 -9.70 9.11 7.83
C LEU A 318 -8.74 8.56 8.85
N GLU A 319 -8.84 8.97 10.10
CA GLU A 319 -7.86 8.50 11.07
C GLU A 319 -7.99 7.05 11.45
N ASP A 320 -9.23 6.53 11.49
CA ASP A 320 -9.53 5.20 12.02
C ASP A 320 -9.72 4.11 11.01
N SER A 321 -9.55 4.41 9.71
CA SER A 321 -9.71 3.36 8.69
C SER A 321 -8.98 3.77 7.42
N TYR A 322 -8.86 2.86 6.47
CA TYR A 322 -8.16 3.08 5.18
C TYR A 322 -6.77 3.65 5.50
N ASN A 323 -5.99 2.87 6.27
CA ASN A 323 -4.68 3.31 6.71
C ASN A 323 -3.52 2.56 6.08
N THR A 324 -3.79 1.71 5.08
CA THR A 324 -2.70 1.01 4.37
C THR A 324 -2.55 1.53 2.96
N VAL A 325 -1.42 1.22 2.31
CA VAL A 325 -1.23 1.55 0.90
C VAL A 325 -2.36 0.88 0.05
N ASN A 326 -2.62 -0.44 0.23
CA ASN A 326 -3.71 -1.07 -0.53
C ASN A 326 -5.06 -0.37 -0.34
N SER A 327 -5.37 0.09 0.87
CA SER A 327 -6.67 0.73 1.14
C SER A 327 -6.81 2.06 0.39
N ILE A 328 -5.70 2.72 0.05
CA ILE A 328 -5.76 3.97 -0.73
C ILE A 328 -6.28 3.63 -2.14
N MET A 329 -5.71 2.59 -2.75
CA MET A 329 -6.15 2.13 -4.09
C MET A 329 -7.60 1.60 -4.04
N TRP A 330 -7.95 0.83 -2.99
CA TRP A 330 -9.29 0.28 -2.75
C TRP A 330 -10.32 1.43 -2.75
N ALA A 331 -10.06 2.51 -1.96
CA ALA A 331 -10.98 3.66 -1.86
C ALA A 331 -11.19 4.34 -3.22
N GLY A 332 -10.09 4.50 -3.96
CA GLY A 332 -10.16 5.07 -5.30
C GLY A 332 -11.08 4.24 -6.19
N ASN A 333 -10.88 2.91 -6.21
CA ASN A 333 -11.72 2.02 -7.04
C ASN A 333 -13.17 2.08 -6.60
N LEU A 334 -13.44 2.15 -5.28
CA LEU A 334 -14.79 2.31 -4.74
C LEU A 334 -15.46 3.57 -5.28
N ALA A 335 -14.75 4.72 -5.29
CA ALA A 335 -15.32 5.97 -5.78
C ALA A 335 -15.63 5.89 -7.27
N ALA A 336 -14.71 5.32 -8.09
CA ALA A 336 -14.92 5.13 -9.53
C ALA A 336 -16.12 4.20 -9.77
N THR A 337 -16.32 3.18 -8.88
CA THR A 337 -17.46 2.26 -8.98
C THR A 337 -18.75 2.99 -8.62
N HIS A 338 -18.72 3.74 -7.50
CA HIS A 338 -19.88 4.48 -7.00
C HIS A 338 -20.36 5.48 -8.05
N ALA A 339 -19.41 6.18 -8.70
CA ALA A 339 -19.73 7.16 -9.74
C ALA A 339 -20.57 6.53 -10.87
N GLY A 340 -20.20 5.31 -11.27
CA GLY A 340 -20.95 4.56 -12.26
C GLY A 340 -22.32 4.17 -11.75
N ASN A 341 -22.39 3.69 -10.50
CA ASN A 341 -23.64 3.27 -9.86
C ASN A 341 -24.67 4.37 -9.73
N ILE A 342 -24.23 5.61 -9.45
CA ILE A 342 -25.15 6.74 -9.25
C ILE A 342 -25.41 7.53 -10.54
N GLY A 343 -24.80 7.12 -11.65
CA GLY A 343 -25.07 7.74 -12.95
C GLY A 343 -24.24 8.96 -13.30
N ASN A 344 -23.02 9.12 -12.70
CA ASN A 344 -22.11 10.20 -13.10
C ASN A 344 -21.56 9.86 -14.49
N ILE A 345 -20.97 10.84 -15.18
CA ILE A 345 -20.29 10.57 -16.47
C ILE A 345 -19.16 9.58 -16.22
N THR A 346 -19.14 8.47 -16.93
CA THR A 346 -18.08 7.46 -16.81
C THR A 346 -17.54 7.20 -18.20
N HIS A 347 -16.26 6.88 -18.29
CA HIS A 347 -15.57 6.68 -19.56
C HIS A 347 -15.22 5.22 -19.83
N ILE A 348 -15.24 4.34 -18.80
CA ILE A 348 -14.86 2.94 -19.08
C ILE A 348 -15.56 1.87 -18.19
N GLY A 349 -15.86 2.16 -16.94
CA GLY A 349 -16.54 1.18 -16.11
C GLY A 349 -15.74 0.67 -14.93
N ALA A 350 -16.47 0.21 -13.91
CA ALA A 350 -15.92 -0.23 -12.62
C ALA A 350 -15.09 -1.51 -12.73
N HIS A 351 -15.60 -2.53 -13.42
CA HIS A 351 -14.91 -3.82 -13.55
C HIS A 351 -13.50 -3.58 -14.10
N TYR A 352 -13.40 -2.78 -15.14
CA TYR A 352 -12.12 -2.40 -15.76
C TYR A 352 -11.19 -1.78 -14.69
N TYR A 353 -11.71 -0.87 -13.82
CA TYR A 353 -10.86 -0.22 -12.81
C TYR A 353 -10.32 -1.20 -11.79
N TRP A 354 -11.14 -2.19 -11.36
CA TRP A 354 -10.66 -3.20 -10.40
C TRP A 354 -9.61 -4.11 -11.05
N GLU A 355 -9.70 -4.32 -12.37
CA GLU A 355 -8.63 -5.04 -13.10
C GLU A 355 -7.41 -4.16 -13.37
N ALA A 356 -7.58 -2.83 -13.49
CA ALA A 356 -6.54 -1.92 -13.96
C ALA A 356 -5.49 -1.56 -12.91
N TYR A 357 -5.94 -1.06 -11.76
CA TYR A 357 -5.02 -0.56 -10.73
C TYR A 357 -4.36 -1.66 -9.92
N HIS A 358 -3.09 -1.43 -9.61
CA HIS A 358 -2.24 -2.39 -8.90
C HIS A 358 -1.36 -1.70 -7.90
N VAL A 359 -0.95 -2.44 -6.88
CA VAL A 359 0.09 -1.99 -5.97
C VAL A 359 1.33 -2.77 -6.35
N LEU A 360 2.43 -2.04 -6.59
CA LEU A 360 3.76 -2.64 -6.78
C LEU A 360 4.57 -2.23 -5.56
N GLY A 361 5.38 -3.13 -5.00
CA GLY A 361 6.05 -2.81 -3.74
C GLY A 361 5.13 -3.23 -2.62
N ASP A 362 5.32 -2.71 -1.39
CA ASP A 362 4.61 -3.26 -0.24
C ASP A 362 3.29 -2.50 0.08
N GLY A 363 2.16 -3.13 -0.27
CA GLY A 363 0.82 -2.61 -0.04
C GLY A 363 0.36 -2.70 1.42
N SER A 364 1.09 -3.45 2.26
CA SER A 364 0.71 -3.57 3.68
C SER A 364 1.30 -2.44 4.52
N VAL A 365 2.12 -1.57 3.92
CA VAL A 365 2.66 -0.42 4.67
C VAL A 365 1.48 0.49 5.10
N MET A 366 1.57 1.05 6.31
CA MET A 366 0.60 2.02 6.81
C MET A 366 1.27 3.41 6.70
N PRO A 367 1.02 4.19 5.60
CA PRO A 367 1.75 5.45 5.45
C PRO A 367 1.45 6.47 6.54
N TYR A 368 2.47 7.21 6.91
CA TYR A 368 2.36 8.33 7.84
C TYR A 368 1.64 9.46 7.11
N ARG A 369 1.04 10.39 7.87
CA ARG A 369 0.40 11.55 7.26
C ARG A 369 1.03 12.78 7.92
N ALA A 370 2.05 13.31 7.24
CA ALA A 370 2.95 14.36 7.74
C ALA A 370 3.80 13.72 8.87
N MET A 371 4.23 14.46 9.90
CA MET A 371 5.06 13.85 10.95
C MET A 371 4.25 12.87 11.82
N PRO A 372 4.63 11.57 11.88
CA PRO A 372 3.90 10.65 12.77
C PRO A 372 4.08 11.02 14.26
N LYS A 373 3.03 10.75 15.05
CA LYS A 373 3.00 11.10 16.46
C LYS A 373 3.80 10.11 17.30
N THR A 374 4.18 10.51 18.54
CA THR A 374 4.92 9.62 19.43
C THR A 374 3.88 8.88 20.27
N ASN A 375 4.01 7.56 20.35
CA ASN A 375 3.05 6.77 21.10
C ASN A 375 3.37 6.76 22.60
N THR A 376 2.39 6.36 23.41
CA THR A 376 2.51 6.26 24.87
C THR A 376 2.32 4.78 25.20
N TYR A 377 3.19 4.24 26.08
CA TYR A 377 3.20 2.83 26.45
C TYR A 377 3.93 2.57 27.76
N THR A 378 3.58 1.47 28.41
CA THR A 378 4.24 0.98 29.60
C THR A 378 4.49 -0.50 29.41
N LEU A 379 5.76 -0.90 29.45
CA LEU A 379 6.13 -2.30 29.32
C LEU A 379 6.53 -2.88 30.68
N PRO A 380 6.06 -4.12 31.02
CA PRO A 380 6.48 -4.71 32.30
C PRO A 380 7.96 -5.07 32.31
N ALA A 381 8.55 -5.20 33.50
CA ALA A 381 9.96 -5.57 33.72
C ALA A 381 10.25 -6.98 33.18
N SER A 382 9.25 -7.85 33.22
CA SER A 382 9.34 -9.23 32.75
C SER A 382 7.97 -9.76 32.30
N LEU A 383 7.98 -10.93 31.67
CA LEU A 383 6.78 -11.63 31.23
C LEU A 383 6.77 -13.01 31.88
N PRO A 384 5.82 -13.36 32.77
CA PRO A 384 5.84 -14.72 33.35
C PRO A 384 5.52 -15.76 32.29
N GLN A 385 6.20 -16.91 32.33
CA GLN A 385 5.98 -18.02 31.40
C GLN A 385 4.57 -18.63 31.54
N ASN A 386 4.16 -19.39 30.51
CA ASN A 386 2.92 -20.18 30.44
C ASN A 386 1.63 -19.38 30.75
N GLN A 387 1.46 -18.21 30.10
CA GLN A 387 0.27 -17.37 30.27
C GLN A 387 -0.52 -17.28 28.96
N ALA A 388 -1.86 -17.45 29.03
CA ALA A 388 -2.77 -17.36 27.88
C ALA A 388 -2.80 -15.95 27.28
N SER A 389 -2.55 -14.93 28.11
CA SER A 389 -2.52 -13.53 27.68
C SER A 389 -1.71 -12.64 28.63
N TYR A 390 -1.30 -11.46 28.12
CA TYR A 390 -0.60 -10.43 28.90
C TYR A 390 -1.37 -9.12 28.74
N SER A 391 -1.29 -8.26 29.75
CA SER A 391 -1.92 -6.94 29.72
C SER A 391 -0.82 -5.92 29.56
N ILE A 392 -0.79 -5.23 28.42
CA ILE A 392 0.23 -4.23 28.11
C ILE A 392 -0.45 -2.89 27.88
N GLN A 393 0.03 -1.85 28.58
CA GLN A 393 -0.49 -0.50 28.45
C GLN A 393 0.09 0.18 27.20
N ALA A 394 -0.79 0.71 26.35
CA ALA A 394 -0.49 1.45 25.10
C ALA A 394 -1.69 2.31 24.74
N SER A 395 -1.50 3.40 23.95
CA SER A 395 -2.62 4.26 23.56
C SER A 395 -3.72 3.47 22.84
N ALA A 396 -4.99 3.79 23.10
CA ALA A 396 -6.18 3.15 22.51
C ALA A 396 -6.03 2.98 20.99
N GLY A 397 -6.21 1.76 20.51
CA GLY A 397 -6.08 1.44 19.10
C GLY A 397 -4.73 0.91 18.67
N SER A 398 -3.71 0.97 19.57
CA SER A 398 -2.36 0.46 19.27
C SER A 398 -2.39 -1.05 19.16
N TYR A 399 -1.60 -1.59 18.24
CA TYR A 399 -1.49 -3.01 17.97
C TYR A 399 -0.19 -3.49 18.59
N VAL A 400 -0.30 -4.39 19.57
CA VAL A 400 0.84 -4.92 20.33
C VAL A 400 1.14 -6.34 19.87
N ALA A 401 2.42 -6.64 19.58
CA ALA A 401 2.85 -7.97 19.14
C ALA A 401 4.09 -8.45 19.91
N ILE A 402 4.07 -9.72 20.35
CA ILE A 402 5.15 -10.38 21.08
C ILE A 402 5.66 -11.51 20.23
N SER A 403 6.97 -11.51 19.96
CA SER A 403 7.58 -12.52 19.11
C SER A 403 9.01 -12.86 19.56
N LYS A 404 9.58 -13.89 18.93
CA LYS A 404 10.96 -14.31 19.14
C LYS A 404 11.44 -15.05 17.91
N ASP A 405 12.59 -14.59 17.36
CA ASP A 405 13.27 -15.16 16.18
C ASP A 405 12.36 -15.17 14.94
N GLY A 406 11.55 -14.13 14.80
CA GLY A 406 10.64 -13.98 13.66
C GLY A 406 9.42 -14.87 13.74
N VAL A 407 9.17 -15.49 14.92
CA VAL A 407 7.98 -16.31 15.18
C VAL A 407 7.04 -15.46 16.04
N LEU A 408 5.82 -15.20 15.56
CA LEU A 408 4.83 -14.40 16.29
C LEU A 408 4.16 -15.28 17.36
N TYR A 409 4.17 -14.84 18.61
CA TYR A 409 3.59 -15.62 19.71
C TYR A 409 2.21 -15.12 20.10
N GLY A 410 1.97 -13.82 19.96
CA GLY A 410 0.72 -13.22 20.38
C GLY A 410 0.53 -11.78 19.99
N THR A 411 -0.75 -11.36 19.90
CA THR A 411 -1.15 -10.00 19.53
C THR A 411 -2.39 -9.54 20.31
N GLY A 412 -2.58 -8.22 20.33
CA GLY A 412 -3.75 -7.59 20.93
C GLY A 412 -3.86 -6.13 20.56
N VAL A 413 -5.09 -5.58 20.55
CA VAL A 413 -5.33 -4.17 20.24
C VAL A 413 -5.71 -3.48 21.55
N ALA A 414 -5.05 -2.36 21.89
CA ALA A 414 -5.34 -1.63 23.12
C ALA A 414 -6.77 -1.12 23.11
N ASN A 415 -7.51 -1.38 24.21
CA ASN A 415 -8.89 -0.93 24.40
C ASN A 415 -8.92 0.58 24.64
N ALA A 416 -10.13 1.15 24.84
CA ALA A 416 -10.38 2.56 25.10
C ALA A 416 -9.57 3.10 26.32
N SER A 417 -9.35 2.25 27.35
CA SER A 417 -8.61 2.62 28.56
C SER A 417 -7.08 2.54 28.39
N GLY A 418 -6.64 2.10 27.22
CA GLY A 418 -5.22 1.99 26.90
C GLY A 418 -4.59 0.73 27.41
N VAL A 419 -5.33 -0.37 27.37
CA VAL A 419 -4.80 -1.66 27.81
C VAL A 419 -5.07 -2.66 26.71
N ALA A 420 -4.02 -3.35 26.27
CA ALA A 420 -4.12 -4.39 25.25
C ALA A 420 -4.05 -5.75 25.91
N THR A 421 -5.02 -6.62 25.60
CA THR A 421 -4.99 -8.02 26.02
C THR A 421 -4.27 -8.72 24.87
N VAL A 422 -2.99 -9.09 25.09
CA VAL A 422 -2.18 -9.76 24.08
C VAL A 422 -2.45 -11.26 24.20
N SER A 423 -3.32 -11.77 23.32
CA SER A 423 -3.70 -13.17 23.33
C SER A 423 -2.56 -13.99 22.75
N MET A 424 -2.05 -14.94 23.54
CA MET A 424 -0.91 -15.77 23.15
C MET A 424 -1.35 -17.02 22.41
N THR A 425 -1.16 -17.03 21.07
CA THR A 425 -1.48 -18.20 20.24
C THR A 425 -0.40 -19.27 20.47
N LYS A 426 0.79 -18.82 20.85
CA LYS A 426 1.93 -19.63 21.26
C LYS A 426 2.35 -19.10 22.62
N GLN A 427 2.21 -19.93 23.65
CA GLN A 427 2.59 -19.49 24.99
C GLN A 427 4.10 -19.50 25.14
N ILE A 428 4.62 -18.60 25.98
CA ILE A 428 6.05 -18.49 26.25
C ILE A 428 6.41 -19.64 27.22
N THR A 429 7.20 -20.60 26.74
CA THR A 429 7.59 -21.77 27.53
C THR A 429 9.09 -21.80 27.84
N GLU A 430 9.88 -20.98 27.13
CA GLU A 430 11.34 -20.96 27.33
C GLU A 430 11.85 -19.56 27.63
N ASN A 431 12.86 -19.46 28.50
CA ASN A 431 13.49 -18.18 28.85
C ASN A 431 14.25 -17.61 27.64
N GLY A 432 14.45 -16.30 27.64
CA GLY A 432 15.15 -15.60 26.56
C GLY A 432 14.66 -14.20 26.30
N ASN A 433 15.22 -13.54 25.28
CA ASN A 433 14.84 -12.19 24.91
C ASN A 433 13.75 -12.23 23.85
N TYR A 434 12.58 -11.65 24.18
CA TYR A 434 11.43 -11.62 23.27
C TYR A 434 11.17 -10.20 22.80
N ASP A 435 10.86 -10.06 21.51
CA ASP A 435 10.58 -8.77 20.90
C ASP A 435 9.16 -8.33 21.19
N VAL A 436 9.00 -7.06 21.50
CA VAL A 436 7.70 -6.42 21.71
C VAL A 436 7.63 -5.25 20.75
N VAL A 437 6.62 -5.27 19.87
CA VAL A 437 6.44 -4.20 18.88
C VAL A 437 5.06 -3.62 19.06
N ILE A 438 4.97 -2.29 19.06
CA ILE A 438 3.69 -1.57 19.18
C ILE A 438 3.58 -0.61 17.99
N THR A 439 2.50 -0.76 17.19
CA THR A 439 2.27 0.10 16.03
C THR A 439 0.88 0.73 16.11
N ARG A 440 0.71 1.85 15.40
CA ARG A 440 -0.58 2.56 15.30
C ARG A 440 -0.49 3.48 14.10
N SER A 441 -1.58 3.61 13.34
CA SER A 441 -1.56 4.43 12.13
C SER A 441 -1.16 5.87 12.46
N ASN A 442 -0.15 6.36 11.72
CA ASN A 442 0.42 7.70 11.86
C ASN A 442 1.08 7.92 13.25
N TYR A 443 1.64 6.84 13.80
CA TYR A 443 2.47 6.86 15.02
C TYR A 443 3.78 6.18 14.73
N LEU A 444 4.84 6.69 15.35
CA LEU A 444 6.14 6.03 15.25
C LEU A 444 6.04 4.67 15.96
N PRO A 445 6.69 3.63 15.41
CA PRO A 445 6.67 2.32 16.05
C PRO A 445 7.47 2.30 17.34
N VAL A 446 7.03 1.45 18.25
CA VAL A 446 7.70 1.16 19.49
C VAL A 446 8.32 -0.23 19.28
N ILE A 447 9.64 -0.32 19.32
CA ILE A 447 10.34 -1.59 19.06
C ILE A 447 11.23 -1.87 20.26
N LYS A 448 10.84 -2.86 21.05
CA LYS A 448 11.55 -3.16 22.28
C LYS A 448 11.76 -4.65 22.48
N GLN A 449 12.47 -5.02 23.56
CA GLN A 449 12.71 -6.39 23.98
C GLN A 449 12.35 -6.54 25.47
N ILE A 450 11.81 -7.70 25.86
CA ILE A 450 11.45 -7.99 27.26
C ILE A 450 12.05 -9.35 27.63
N GLN A 451 12.65 -9.41 28.83
CA GLN A 451 13.27 -10.60 29.40
C GLN A 451 12.25 -11.53 30.05
N VAL A 452 12.46 -12.84 29.88
CA VAL A 452 11.67 -13.89 30.54
C VAL A 452 12.66 -14.92 31.12
CA CA B . 7.89 -6.94 -15.29
CA CA C . -15.28 -10.99 -4.26
NA NA D . -14.85 13.47 -1.69
NA NA E . -6.98 6.58 6.66
NI NI F . 8.97 19.47 11.34
NA NA G . 4.78 25.76 4.70
N HIS H . 5.94 16.89 17.96
CA HIS H . 6.85 17.60 17.05
C HIS H . 6.22 18.93 16.62
O HIS H . 5.16 18.95 15.99
CB HIS H . 7.16 16.72 15.81
CG HIS H . 8.02 17.39 14.77
ND1 HIS H . 9.39 17.31 14.83
CD2 HIS H . 7.66 18.08 13.68
CE1 HIS H . 9.84 17.97 13.77
NE2 HIS H . 8.83 18.45 13.04
C ACT I . 7.27 22.00 12.13
O ACT I . 8.08 22.60 12.87
OXT ACT I . 7.51 20.92 11.57
CH3 ACT I . 5.92 22.64 11.87
C ACT J . 17.65 -0.81 -11.10
O ACT J . 18.47 -0.03 -10.58
OXT ACT J . 17.44 -0.93 -12.34
CH3 ACT J . 16.81 -1.67 -10.15
N1 AZI K . -21.19 -8.46 -3.66
N2 AZI K . -21.25 -8.28 -4.83
N3 AZI K . -21.31 -8.09 -5.99
N1 AZI L . -15.73 -5.53 3.62
N2 AZI L . -15.27 -5.47 2.53
N3 AZI L . -14.80 -5.41 1.43
N1 AZI M . -6.28 15.74 -24.99
N2 AZI M . -5.18 15.43 -25.36
N3 AZI M . -4.09 15.13 -25.71
C1 GOL N . -11.00 -14.92 -14.51
O1 GOL N . -10.30 -15.97 -15.17
C2 GOL N . -12.12 -15.45 -13.64
O2 GOL N . -13.22 -15.85 -14.45
C3 GOL N . -11.69 -16.62 -12.77
O3 GOL N . -10.66 -16.24 -11.87
C1 GOL O . 5.72 25.23 -7.39
O1 GOL O . 4.43 25.81 -7.55
C2 GOL O . 6.09 25.12 -5.92
O2 GOL O . 5.06 24.42 -5.20
C3 GOL O . 7.41 24.40 -5.78
O3 GOL O . 8.13 24.92 -4.68
C1 GOL P . 2.22 26.47 -10.94
O1 GOL P . 1.28 25.66 -10.24
C2 GOL P . 3.51 25.70 -11.14
O2 GOL P . 3.29 24.65 -12.09
C3 GOL P . 4.64 26.58 -11.59
O3 GOL P . 4.55 26.85 -12.98
C1 GOL Q . 5.04 24.79 0.58
O1 GOL Q . 3.73 24.91 1.12
C2 GOL Q . 5.39 25.92 -0.35
O2 GOL Q . 5.63 27.12 0.41
C3 GOL Q . 6.63 25.57 -1.13
O3 GOL Q . 6.31 24.63 -2.16
CAK CKC R . -2.53 7.89 -20.03
C CKC R . -3.03 9.07 -20.83
O CKC R . -2.34 9.47 -21.74
CA CKC R . -4.52 9.44 -20.75
N CKC R . -4.97 8.55 -21.79
CAL CKC R . -5.30 9.13 -19.46
CAH CKC R . -4.85 10.02 -18.31
CAG CKC R . -5.84 10.04 -17.15
CAI CKC R . -5.14 10.92 -16.12
NAM CKC R . -5.78 10.97 -14.79
#